data_5SVZ
#
_entry.id   5SVZ
#
_cell.length_a   79.000
_cell.length_b   89.831
_cell.length_c   99.460
_cell.angle_alpha   90.000
_cell.angle_beta   90.000
_cell.angle_gamma   90.000
#
_symmetry.space_group_name_H-M   'P 21 21 21'
#
loop_
_entity.id
_entity.type
_entity.pdbx_description
1 polymer 'Importin subunit alpha-1'
2 polymer Tat
3 water water
#
loop_
_entity_poly.entity_id
_entity_poly.type
_entity_poly.pdbx_seq_one_letter_code
_entity_poly.pdbx_strand_id
1 'polypeptide(L)'
;MHHHHHHSSGLVPRGSGMLETAAALFERNHMDSPDLGTDDDDLAMADIGSNQGTVNWSVEDIVKGINSNNLESQLQATQA
ARKLLSREKQPPIDNIIRAGLIPKFVSFLGKTDCSPIQFESAWALTNIASGTSEQTKAVVDGGAIPAFISLLASPHAHIS
EQAVWALGNIAGDGSAFRDLVIKHGAIDPLLALLAVPDLSTLACGYLRNLTWTLSNLCRNKNPAPPLDAVEQILPTLVRL
LHHNDPEVLADSCWAISYLTDGPNERIEMVVKKGVVPQLVKLLGATELPIVTPALRAIGNIVTGTDEQTQKVIDAGALAV
FPSLLTNPKTNIQKEATWTMSNITAGRQDQIQQVVNHGLVPFLVGVLSKADFKTQKEAAWAITNYTSGGTVEQIVYLVHC
GIIEPLMNLLSAKDTKIIQVILDAISNIFQAAEKLGETEKLSIMIEECGGLDKIEALQRHENESVYKASLNLIEKYFSVE
EEEDQNVVPETTSEGFAFQVQDGAPGTFNF
;
A
2 'polypeptide(L)' SGRKKRRQRRRAPQN B
#
# COMPACT_ATOMS: atom_id res chain seq x y z
N GLY A 53 16.98 7.78 39.56
CA GLY A 53 15.55 8.01 39.47
C GLY A 53 14.79 6.77 39.03
N THR A 54 14.18 6.84 37.85
CA THR A 54 13.43 5.73 37.28
C THR A 54 14.16 5.06 36.12
N VAL A 55 15.45 5.35 35.94
CA VAL A 55 16.23 4.73 34.88
C VAL A 55 16.66 3.34 35.33
N ASN A 56 16.37 2.33 34.51
CA ASN A 56 17.02 1.03 34.62
C ASN A 56 16.50 0.19 35.78
N TRP A 57 15.21 0.27 36.10
CA TRP A 57 14.69 -0.55 37.18
C TRP A 57 14.62 -2.02 36.76
N SER A 58 14.69 -2.89 37.76
CA SER A 58 14.36 -4.29 37.56
C SER A 58 12.84 -4.45 37.49
N VAL A 59 12.40 -5.51 36.82
CA VAL A 59 10.96 -5.77 36.73
C VAL A 59 10.38 -5.99 38.12
N GLU A 60 11.14 -6.66 39.01
CA GLU A 60 10.60 -6.94 40.33
C GLU A 60 10.46 -5.67 41.16
N ASP A 61 11.35 -4.68 40.96
CA ASP A 61 11.18 -3.39 41.62
C ASP A 61 9.95 -2.66 41.10
N ILE A 62 9.76 -2.66 39.77
CA ILE A 62 8.54 -2.09 39.19
C ILE A 62 7.32 -2.74 39.82
N VAL A 63 7.32 -4.07 39.91
CA VAL A 63 6.19 -4.78 40.52
C VAL A 63 5.99 -4.32 41.96
N LYS A 64 7.08 -4.22 42.72
CA LYS A 64 6.98 -3.80 44.12
C LYS A 64 6.33 -2.44 44.23
N GLY A 65 6.72 -1.49 43.37
CA GLY A 65 6.15 -0.16 43.42
C GLY A 65 4.68 -0.13 43.02
N ILE A 66 4.35 -0.81 41.92
CA ILE A 66 2.98 -0.78 41.42
C ILE A 66 2.03 -1.48 42.39
N ASN A 67 2.53 -2.43 43.18
CA ASN A 67 1.71 -3.11 44.17
C ASN A 67 1.65 -2.37 45.50
N SER A 68 2.44 -1.31 45.67
CA SER A 68 2.33 -0.51 46.87
C SER A 68 0.94 0.13 46.94
N ASN A 69 0.58 0.61 48.13
CA ASN A 69 -0.67 1.34 48.32
C ASN A 69 -0.40 2.84 48.34
N ASN A 70 0.37 3.30 47.36
CA ASN A 70 0.83 4.68 47.32
C ASN A 70 0.84 5.12 45.85
N LEU A 71 -0.06 6.04 45.50
CA LEU A 71 -0.22 6.43 44.10
C LEU A 71 1.07 7.00 43.53
N GLU A 72 1.84 7.73 44.34
CA GLU A 72 3.10 8.29 43.84
C GLU A 72 4.14 7.20 43.62
N SER A 73 4.22 6.24 44.54
CA SER A 73 5.10 5.09 44.30
C SER A 73 4.69 4.34 43.05
N GLN A 74 3.38 4.21 42.82
CA GLN A 74 2.89 3.57 41.60
C GLN A 74 3.28 4.38 40.37
N LEU A 75 3.18 5.71 40.44
CA LEU A 75 3.59 6.55 39.33
C LEU A 75 5.07 6.37 39.03
N GLN A 76 5.91 6.42 40.07
CA GLN A 76 7.33 6.18 39.90
C GLN A 76 7.58 4.87 39.16
N ALA A 77 6.95 3.79 39.63
CA ALA A 77 7.18 2.47 39.06
C ALA A 77 6.67 2.40 37.63
N THR A 78 5.50 2.99 37.36
CA THR A 78 4.97 3.00 36.00
C THR A 78 5.91 3.71 35.05
N GLN A 79 6.47 4.85 35.47
CA GLN A 79 7.44 5.55 34.65
C GLN A 79 8.67 4.69 34.41
N ALA A 80 9.15 3.99 35.45
CA ALA A 80 10.26 3.08 35.27
C ALA A 80 9.93 2.01 34.24
N ALA A 81 8.72 1.47 34.30
CA ALA A 81 8.28 0.49 33.29
C ALA A 81 8.28 1.12 31.90
N ARG A 82 7.76 2.34 31.79
CA ARG A 82 7.74 3.01 30.48
C ARG A 82 9.15 3.15 29.92
N LYS A 83 10.13 3.41 30.78
CA LYS A 83 11.50 3.61 30.30
C LYS A 83 12.13 2.30 29.85
N LEU A 84 11.86 1.20 30.56
CA LEU A 84 12.27 -0.11 30.07
C LEU A 84 11.68 -0.38 28.69
N LEU A 85 10.38 -0.15 28.54
CA LEU A 85 9.66 -0.47 27.31
C LEU A 85 10.02 0.46 26.16
N SER A 86 10.70 1.56 26.42
CA SER A 86 11.09 2.51 25.39
C SER A 86 12.54 2.37 24.97
N ARG A 87 13.28 1.44 25.56
CA ARG A 87 14.72 1.36 25.32
C ARG A 87 15.00 0.79 23.94
N GLU A 88 16.19 1.10 23.42
CA GLU A 88 16.48 0.88 22.01
C GLU A 88 16.34 -0.58 21.62
N LYS A 89 16.92 -1.49 22.41
CA LYS A 89 17.00 -2.90 22.03
C LYS A 89 16.39 -3.80 23.08
N GLN A 90 15.58 -4.75 22.62
CA GLN A 90 14.98 -5.85 23.37
C GLN A 90 14.19 -5.33 24.57
N PRO A 91 13.19 -4.49 24.34
CA PRO A 91 12.30 -4.10 25.43
C PRO A 91 11.65 -5.33 26.06
N PRO A 92 11.68 -5.45 27.43
CA PRO A 92 11.20 -6.68 28.10
C PRO A 92 9.68 -6.78 28.14
N ILE A 93 9.05 -6.78 26.97
CA ILE A 93 7.59 -6.80 26.90
C ILE A 93 7.03 -8.02 27.61
N ASP A 94 7.56 -9.20 27.30
CA ASP A 94 7.00 -10.43 27.84
C ASP A 94 7.21 -10.53 29.34
N ASN A 95 8.36 -10.06 29.84
CA ASN A 95 8.58 -10.05 31.27
C ASN A 95 7.57 -9.15 31.97
N ILE A 96 7.26 -8.00 31.36
CA ILE A 96 6.26 -7.11 31.92
C ILE A 96 4.87 -7.76 31.89
N ILE A 97 4.53 -8.39 30.78
CA ILE A 97 3.24 -9.08 30.70
C ILE A 97 3.18 -10.19 31.75
N ARG A 98 4.21 -11.03 31.81
CA ARG A 98 4.19 -12.15 32.74
C ARG A 98 4.13 -11.68 34.20
N ALA A 99 4.69 -10.51 34.49
CA ALA A 99 4.58 -9.97 35.84
C ALA A 99 3.16 -9.56 36.22
N GLY A 100 2.21 -9.61 35.27
CA GLY A 100 0.83 -9.31 35.57
C GLY A 100 0.48 -7.84 35.60
N LEU A 101 1.28 -6.99 34.93
CA LEU A 101 1.15 -5.55 35.13
C LEU A 101 0.12 -4.88 34.23
N ILE A 102 -0.33 -5.54 33.15
CA ILE A 102 -1.26 -4.88 32.22
C ILE A 102 -2.52 -4.42 32.93
N PRO A 103 -3.20 -5.23 33.75
CA PRO A 103 -4.42 -4.73 34.41
C PRO A 103 -4.15 -3.51 35.28
N LYS A 104 -3.01 -3.45 35.95
CA LYS A 104 -2.67 -2.25 36.72
C LYS A 104 -2.55 -1.04 35.80
N PHE A 105 -1.80 -1.18 34.71
CA PHE A 105 -1.65 -0.07 33.76
C PHE A 105 -3.02 0.39 33.26
N VAL A 106 -3.88 -0.56 32.90
CA VAL A 106 -5.19 -0.20 32.36
C VAL A 106 -5.99 0.58 33.40
N SER A 107 -5.93 0.14 34.67
CA SER A 107 -6.66 0.86 35.71
C SER A 107 -6.08 2.27 35.92
N PHE A 108 -4.77 2.44 35.71
CA PHE A 108 -4.18 3.76 35.82
C PHE A 108 -4.66 4.71 34.73
N LEU A 109 -5.10 4.18 33.58
CA LEU A 109 -5.65 5.02 32.54
C LEU A 109 -6.87 5.81 33.02
N GLY A 110 -7.58 5.31 34.02
CA GLY A 110 -8.78 5.94 34.51
C GLY A 110 -8.59 6.93 35.64
N LYS A 111 -7.35 7.19 36.04
CA LYS A 111 -7.09 8.07 37.19
C LYS A 111 -7.02 9.51 36.73
N THR A 112 -8.21 10.10 36.55
CA THR A 112 -8.30 11.49 36.11
C THR A 112 -7.55 12.43 37.05
N ASP A 113 -7.48 12.09 38.35
CA ASP A 113 -6.83 12.97 39.31
C ASP A 113 -5.32 12.98 39.17
N CYS A 114 -4.73 11.96 38.55
CA CYS A 114 -3.28 11.85 38.40
C CYS A 114 -2.96 11.72 36.92
N SER A 115 -3.02 12.84 36.21
CA SER A 115 -2.76 12.81 34.78
C SER A 115 -1.38 12.23 34.44
N PRO A 116 -0.33 12.46 35.24
CA PRO A 116 0.96 11.85 34.87
C PRO A 116 0.94 10.33 34.83
N ILE A 117 0.18 9.66 35.69
CA ILE A 117 0.16 8.20 35.65
C ILE A 117 -0.73 7.71 34.50
N GLN A 118 -1.73 8.50 34.09
CA GLN A 118 -2.43 8.20 32.85
C GLN A 118 -1.47 8.20 31.67
N PHE A 119 -0.59 9.19 31.61
CA PHE A 119 0.35 9.32 30.51
C PHE A 119 1.37 8.19 30.52
N GLU A 120 2.00 7.95 31.67
CA GLU A 120 3.02 6.91 31.76
C GLU A 120 2.44 5.54 31.44
N SER A 121 1.27 5.22 31.99
CA SER A 121 0.64 3.93 31.72
C SER A 121 0.19 3.84 30.27
N ALA A 122 -0.31 4.93 29.70
CA ALA A 122 -0.68 4.94 28.29
C ALA A 122 0.52 4.66 27.41
N TRP A 123 1.66 5.28 27.73
CA TRP A 123 2.89 5.06 26.98
C TRP A 123 3.38 3.63 27.13
N ALA A 124 3.39 3.12 28.37
CA ALA A 124 3.80 1.74 28.59
C ALA A 124 2.94 0.77 27.79
N LEU A 125 1.62 0.93 27.85
CA LEU A 125 0.73 0.04 27.14
C LEU A 125 0.87 0.18 25.62
N THR A 126 1.08 1.40 25.14
CA THR A 126 1.32 1.59 23.70
C THR A 126 2.48 0.71 23.24
N ASN A 127 3.55 0.66 24.02
CA ASN A 127 4.74 -0.06 23.60
C ASN A 127 4.59 -1.57 23.75
N ILE A 128 3.79 -2.03 24.72
CA ILE A 128 3.41 -3.43 24.76
C ILE A 128 2.60 -3.78 23.51
N ALA A 129 1.64 -2.92 23.16
CA ALA A 129 0.77 -3.16 22.02
C ALA A 129 1.49 -3.03 20.68
N SER A 130 2.69 -2.44 20.66
CA SER A 130 3.46 -2.28 19.43
C SER A 130 4.13 -3.57 18.98
N GLY A 131 4.05 -4.64 19.75
CA GLY A 131 4.79 -5.85 19.45
C GLY A 131 4.02 -6.88 18.65
N THR A 132 4.10 -8.13 19.08
CA THR A 132 3.45 -9.23 18.38
C THR A 132 1.94 -9.19 18.61
N SER A 133 1.22 -9.98 17.80
CA SER A 133 -0.22 -10.10 17.97
C SER A 133 -0.57 -10.57 19.38
N GLU A 134 0.22 -11.50 19.92
CA GLU A 134 -0.05 -11.99 21.27
C GLU A 134 0.17 -10.89 22.30
N GLN A 135 1.16 -10.04 22.08
CA GLN A 135 1.40 -8.93 23.00
C GLN A 135 0.31 -7.87 22.87
N THR A 136 -0.08 -7.53 21.64
CA THR A 136 -1.23 -6.65 21.46
C THR A 136 -2.49 -7.25 22.10
N LYS A 137 -2.68 -8.56 21.93
CA LYS A 137 -3.85 -9.21 22.52
C LYS A 137 -3.87 -9.04 24.03
N ALA A 138 -2.71 -9.15 24.67
CA ALA A 138 -2.65 -8.98 26.11
C ALA A 138 -3.19 -7.63 26.55
N VAL A 139 -2.87 -6.59 25.78
CA VAL A 139 -3.36 -5.25 26.09
C VAL A 139 -4.88 -5.18 25.90
N VAL A 140 -5.36 -5.69 24.76
CA VAL A 140 -6.79 -5.71 24.51
C VAL A 140 -7.51 -6.52 25.58
N ASP A 141 -6.97 -7.68 25.96
CA ASP A 141 -7.61 -8.52 26.96
C ASP A 141 -7.69 -7.85 28.33
N GLY A 142 -6.81 -6.87 28.58
CA GLY A 142 -6.85 -6.13 29.82
C GLY A 142 -7.89 -5.03 29.90
N GLY A 143 -8.70 -4.87 28.84
CA GLY A 143 -9.71 -3.83 28.82
C GLY A 143 -9.23 -2.50 28.28
N ALA A 144 -8.11 -2.47 27.56
CA ALA A 144 -7.47 -1.21 27.20
C ALA A 144 -8.30 -0.40 26.20
N ILE A 145 -9.06 -1.05 25.33
CA ILE A 145 -9.69 -0.34 24.21
C ILE A 145 -10.62 0.74 24.73
N PRO A 146 -11.64 0.42 25.53
CA PRO A 146 -12.53 1.50 25.99
C PRO A 146 -11.82 2.53 26.85
N ALA A 147 -10.79 2.13 27.60
CA ALA A 147 -10.06 3.08 28.42
C ALA A 147 -9.31 4.09 27.57
N PHE A 148 -8.71 3.64 26.46
CA PHE A 148 -8.01 4.57 25.57
C PHE A 148 -9.00 5.49 24.84
N ILE A 149 -10.17 4.97 24.45
CA ILE A 149 -11.14 5.81 23.77
C ILE A 149 -11.63 6.91 24.70
N SER A 150 -11.81 6.59 25.98
CA SER A 150 -12.17 7.62 26.95
C SER A 150 -11.09 8.69 27.07
N LEU A 151 -9.82 8.31 26.91
CA LEU A 151 -8.73 9.27 27.02
C LEU A 151 -8.60 10.17 25.81
N LEU A 152 -9.28 9.87 24.70
CA LEU A 152 -9.24 10.77 23.56
C LEU A 152 -9.83 12.13 23.90
N ALA A 153 -10.71 12.19 24.89
CA ALA A 153 -11.30 13.45 25.34
C ALA A 153 -10.49 14.13 26.43
N SER A 154 -9.34 13.60 26.79
CA SER A 154 -8.55 14.17 27.87
C SER A 154 -8.20 15.62 27.55
N PRO A 155 -8.24 16.52 28.53
CA PRO A 155 -7.80 17.90 28.28
C PRO A 155 -6.31 18.04 28.05
N HIS A 156 -5.52 17.00 28.33
CA HIS A 156 -4.09 17.05 28.13
C HIS A 156 -3.75 16.46 26.77
N ALA A 157 -3.17 17.29 25.89
CA ALA A 157 -2.93 16.85 24.52
C ALA A 157 -1.96 15.68 24.46
N HIS A 158 -0.93 15.68 25.32
CA HIS A 158 0.05 14.60 25.27
C HIS A 158 -0.56 13.26 25.69
N ILE A 159 -1.62 13.29 26.51
CA ILE A 159 -2.30 12.07 26.88
C ILE A 159 -3.24 11.62 25.77
N SER A 160 -4.04 12.55 25.24
CA SER A 160 -4.89 12.23 24.10
C SER A 160 -4.08 11.67 22.95
N GLU A 161 -2.94 12.29 22.65
CA GLU A 161 -2.07 11.80 21.58
C GLU A 161 -1.63 10.36 21.85
N GLN A 162 -1.26 10.06 23.09
CA GLN A 162 -0.80 8.71 23.40
C GLN A 162 -1.92 7.70 23.22
N ALA A 163 -3.15 8.09 23.55
CA ALA A 163 -4.30 7.22 23.34
C ALA A 163 -4.54 6.99 21.85
N VAL A 164 -4.37 8.03 21.03
CA VAL A 164 -4.47 7.85 19.58
C VAL A 164 -3.45 6.82 19.12
N TRP A 165 -2.22 6.97 19.57
CA TRP A 165 -1.13 6.07 19.19
C TRP A 165 -1.45 4.64 19.59
N ALA A 166 -1.88 4.42 20.84
CA ALA A 166 -2.19 3.09 21.31
C ALA A 166 -3.28 2.43 20.46
N LEU A 167 -4.34 3.18 20.15
CA LEU A 167 -5.42 2.62 19.34
C LEU A 167 -4.93 2.32 17.93
N GLY A 168 -3.97 3.08 17.42
CA GLY A 168 -3.41 2.77 16.12
C GLY A 168 -2.65 1.46 16.10
N ASN A 169 -1.89 1.18 17.15
CA ASN A 169 -1.21 -0.11 17.27
C ASN A 169 -2.21 -1.24 17.34
N ILE A 170 -3.25 -1.08 18.17
CA ILE A 170 -4.24 -2.13 18.33
C ILE A 170 -4.96 -2.39 17.01
N ALA A 171 -5.49 -1.35 16.38
CA ALA A 171 -6.16 -1.51 15.09
C ALA A 171 -5.20 -2.04 14.03
N GLY A 172 -3.93 -1.64 14.09
CA GLY A 172 -2.95 -2.08 13.11
C GLY A 172 -2.59 -3.55 13.20
N ASP A 173 -3.07 -4.26 14.23
CA ASP A 173 -2.74 -5.68 14.34
C ASP A 173 -3.44 -6.51 13.27
N GLY A 174 -4.63 -6.12 12.84
CA GLY A 174 -5.35 -6.88 11.86
C GLY A 174 -6.82 -6.55 11.86
N SER A 175 -7.55 -7.27 11.00
CA SER A 175 -8.96 -6.99 10.76
C SER A 175 -9.76 -7.03 12.06
N ALA A 176 -9.59 -8.08 12.86
CA ALA A 176 -10.47 -8.29 14.00
C ALA A 176 -10.34 -7.17 15.02
N PHE A 177 -9.11 -6.85 15.44
CA PHE A 177 -8.93 -5.77 16.40
C PHE A 177 -9.26 -4.41 15.80
N ARG A 178 -9.02 -4.22 14.50
CA ARG A 178 -9.47 -3.02 13.82
C ARG A 178 -10.98 -2.84 14.01
N ASP A 179 -11.76 -3.87 13.67
CA ASP A 179 -13.20 -3.76 13.77
C ASP A 179 -13.66 -3.68 15.22
N LEU A 180 -12.88 -4.24 16.15
CA LEU A 180 -13.26 -4.14 17.56
C LEU A 180 -13.05 -2.73 18.09
N VAL A 181 -11.96 -2.08 17.70
CA VAL A 181 -11.75 -0.67 18.04
C VAL A 181 -12.91 0.16 17.50
N ILE A 182 -13.36 -0.15 16.28
CA ILE A 182 -14.47 0.60 15.68
C ILE A 182 -15.76 0.36 16.46
N LYS A 183 -16.01 -0.90 16.86
CA LYS A 183 -17.23 -1.20 17.60
C LYS A 183 -17.26 -0.51 18.94
N HIS A 184 -16.10 -0.34 19.60
CA HIS A 184 -16.05 0.41 20.85
C HIS A 184 -16.26 1.91 20.65
N GLY A 185 -16.36 2.37 19.40
CA GLY A 185 -16.72 3.76 19.15
C GLY A 185 -15.58 4.72 19.01
N ALA A 186 -14.44 4.29 18.45
CA ALA A 186 -13.26 5.14 18.42
C ALA A 186 -13.34 6.22 17.34
N ILE A 187 -14.08 5.99 16.25
CA ILE A 187 -14.00 6.89 15.10
C ILE A 187 -14.52 8.28 15.47
N ASP A 188 -15.69 8.36 16.10
CA ASP A 188 -16.29 9.65 16.44
C ASP A 188 -15.28 10.53 17.18
N PRO A 189 -14.75 10.10 18.33
CA PRO A 189 -13.81 10.97 19.06
C PRO A 189 -12.52 11.25 18.30
N LEU A 190 -12.04 10.29 17.49
CA LEU A 190 -10.83 10.56 16.70
C LEU A 190 -11.08 11.68 15.70
N LEU A 191 -12.18 11.60 14.96
CA LEU A 191 -12.48 12.63 13.96
C LEU A 191 -12.80 13.96 14.62
N ALA A 192 -13.35 13.95 15.83
CA ALA A 192 -13.61 15.21 16.53
C ALA A 192 -12.33 15.96 16.84
N LEU A 193 -11.21 15.24 17.04
CA LEU A 193 -9.94 15.91 17.28
C LEU A 193 -9.44 16.67 16.07
N LEU A 194 -9.94 16.33 14.87
CA LEU A 194 -9.54 16.98 13.64
C LEU A 194 -10.58 17.97 13.13
N ALA A 195 -11.65 18.21 13.89
CA ALA A 195 -12.70 19.13 13.48
C ALA A 195 -12.30 20.55 13.87
N VAL A 196 -11.30 21.06 13.18
CA VAL A 196 -10.82 22.42 13.35
C VAL A 196 -10.92 23.11 11.99
N PRO A 197 -11.01 24.45 11.99
CA PRO A 197 -11.06 25.14 10.69
C PRO A 197 -9.77 25.00 9.89
N ASP A 198 -8.61 24.96 10.54
CA ASP A 198 -7.34 24.88 9.85
C ASP A 198 -6.46 23.85 10.57
N LEU A 199 -6.14 22.76 9.87
CA LEU A 199 -5.30 21.72 10.45
C LEU A 199 -3.94 22.26 10.88
N SER A 200 -3.49 23.37 10.31
CA SER A 200 -2.18 23.92 10.64
C SER A 200 -2.10 24.38 12.09
N THR A 201 -3.23 24.60 12.77
CA THR A 201 -3.19 25.00 14.16
C THR A 201 -2.86 23.84 15.10
N LEU A 202 -2.95 22.60 14.62
CA LEU A 202 -2.63 21.45 15.45
C LEU A 202 -1.13 21.22 15.47
N ALA A 203 -0.66 20.66 16.59
CA ALA A 203 0.75 20.26 16.68
C ALA A 203 1.06 19.24 15.59
N CYS A 204 2.21 19.42 14.95
CA CYS A 204 2.59 18.57 13.82
C CYS A 204 2.61 17.11 14.23
N GLY A 205 3.32 16.77 15.30
CA GLY A 205 3.40 15.37 15.72
C GLY A 205 2.04 14.81 16.09
N TYR A 206 1.20 15.63 16.72
CA TYR A 206 -0.16 15.23 17.06
C TYR A 206 -0.94 14.85 15.81
N LEU A 207 -0.90 15.71 14.79
CA LEU A 207 -1.65 15.47 13.56
C LEU A 207 -1.12 14.24 12.82
N ARG A 208 0.20 14.03 12.84
CA ARG A 208 0.77 12.85 12.19
C ARG A 208 0.28 11.57 12.86
N ASN A 209 0.20 11.56 14.18
CA ASN A 209 -0.27 10.37 14.89
C ASN A 209 -1.74 10.10 14.59
N LEU A 210 -2.55 11.16 14.53
CA LEU A 210 -3.96 11.00 14.16
C LEU A 210 -4.10 10.43 12.75
N THR A 211 -3.35 10.99 11.80
CA THR A 211 -3.40 10.48 10.43
C THR A 211 -2.97 9.02 10.37
N TRP A 212 -1.89 8.69 11.06
CA TRP A 212 -1.39 7.32 11.03
C TRP A 212 -2.42 6.35 11.61
N THR A 213 -3.06 6.71 12.71
CA THR A 213 -4.04 5.84 13.32
C THR A 213 -5.27 5.69 12.44
N LEU A 214 -5.72 6.77 11.81
CA LEU A 214 -6.84 6.67 10.88
C LEU A 214 -6.50 5.74 9.71
N SER A 215 -5.26 5.77 9.24
CA SER A 215 -4.91 4.90 8.12
C SER A 215 -4.95 3.43 8.52
N ASN A 216 -4.64 3.11 9.77
CA ASN A 216 -4.75 1.72 10.23
C ASN A 216 -6.20 1.28 10.34
N LEU A 217 -7.12 2.20 10.62
CA LEU A 217 -8.54 1.86 10.62
C LEU A 217 -9.04 1.60 9.21
N CYS A 218 -8.30 2.03 8.18
CA CYS A 218 -8.63 1.75 6.79
C CYS A 218 -7.94 0.51 6.25
N ARG A 219 -7.05 -0.10 7.02
CA ARG A 219 -6.14 -1.11 6.54
C ARG A 219 -6.70 -2.52 6.72
N ASN A 220 -6.16 -3.45 5.93
CA ASN A 220 -6.41 -4.89 6.00
C ASN A 220 -7.70 -5.28 5.28
N LYS A 221 -7.76 -6.54 4.86
CA LYS A 221 -8.90 -7.11 4.14
C LYS A 221 -9.27 -8.44 4.77
N ASN A 222 -10.31 -9.07 4.22
CA ASN A 222 -10.79 -10.34 4.72
C ASN A 222 -11.08 -10.24 6.22
N PRO A 223 -12.02 -9.37 6.60
CA PRO A 223 -12.77 -8.46 5.71
C PRO A 223 -12.16 -7.06 5.61
N ALA A 224 -12.60 -6.31 4.62
CA ALA A 224 -12.30 -4.89 4.57
C ALA A 224 -13.07 -4.17 5.66
N PRO A 225 -12.69 -2.93 5.97
CA PRO A 225 -13.36 -2.20 7.06
C PRO A 225 -14.85 -2.02 6.75
N PRO A 226 -15.68 -1.84 7.78
CA PRO A 226 -17.12 -1.64 7.52
C PRO A 226 -17.36 -0.44 6.62
N LEU A 227 -18.27 -0.62 5.65
CA LEU A 227 -18.56 0.45 4.70
C LEU A 227 -18.94 1.75 5.41
N ASP A 228 -19.77 1.65 6.44
CA ASP A 228 -20.19 2.84 7.16
C ASP A 228 -19.02 3.53 7.86
N ALA A 229 -18.05 2.76 8.34
CA ALA A 229 -16.85 3.37 8.93
C ALA A 229 -16.02 4.07 7.87
N VAL A 230 -15.91 3.47 6.68
CA VAL A 230 -15.16 4.11 5.59
C VAL A 230 -15.83 5.42 5.19
N GLU A 231 -17.15 5.39 5.00
CA GLU A 231 -17.87 6.62 4.65
C GLU A 231 -17.66 7.69 5.72
N GLN A 232 -17.59 7.27 6.98
CA GLN A 232 -17.43 8.22 8.08
C GLN A 232 -16.04 8.86 8.07
N ILE A 233 -15.02 8.08 7.71
CA ILE A 233 -13.64 8.57 7.76
C ILE A 233 -13.27 9.37 6.50
N LEU A 234 -13.83 9.00 5.35
CA LEU A 234 -13.31 9.51 4.09
C LEU A 234 -13.28 11.03 4.01
N PRO A 235 -14.31 11.77 4.42
CA PRO A 235 -14.24 13.24 4.30
C PRO A 235 -13.06 13.85 5.06
N THR A 236 -12.73 13.34 6.24
CA THR A 236 -11.54 13.81 6.94
C THR A 236 -10.28 13.38 6.20
N LEU A 237 -10.30 12.20 5.61
CA LEU A 237 -9.14 11.73 4.84
C LEU A 237 -8.89 12.61 3.63
N VAL A 238 -9.94 12.97 2.88
CA VAL A 238 -9.77 13.85 1.73
C VAL A 238 -9.13 15.15 2.18
N ARG A 239 -9.45 15.59 3.39
CA ARG A 239 -8.95 16.86 3.89
C ARG A 239 -7.47 16.74 4.30
N LEU A 240 -7.09 15.62 4.90
CA LEU A 240 -5.69 15.38 5.24
C LEU A 240 -4.84 15.24 3.99
N LEU A 241 -5.41 14.70 2.92
CA LEU A 241 -4.70 14.54 1.66
C LEU A 241 -4.28 15.89 1.07
N HIS A 242 -4.86 16.99 1.55
CA HIS A 242 -4.52 18.33 1.09
C HIS A 242 -3.66 19.09 2.09
N HIS A 243 -3.21 18.43 3.16
CA HIS A 243 -2.36 19.07 4.14
C HIS A 243 -0.90 19.06 3.67
N ASN A 244 -0.13 20.05 4.13
CA ASN A 244 1.18 20.30 3.56
C ASN A 244 2.31 19.46 4.16
N ASP A 245 2.04 18.71 5.23
CA ASP A 245 3.12 17.99 5.90
C ASP A 245 3.44 16.69 5.15
N PRO A 246 4.72 16.40 4.87
CA PRO A 246 5.02 15.18 4.10
C PRO A 246 4.56 13.88 4.76
N GLU A 247 4.67 13.79 6.09
CA GLU A 247 4.30 12.54 6.75
C GLU A 247 2.79 12.36 6.79
N VAL A 248 2.03 13.45 7.03
CA VAL A 248 0.58 13.38 6.93
C VAL A 248 0.17 12.95 5.53
N LEU A 249 0.80 13.52 4.51
CA LEU A 249 0.47 13.16 3.13
C LEU A 249 0.76 11.69 2.86
N ALA A 250 1.92 11.21 3.31
CA ALA A 250 2.28 9.81 3.08
C ALA A 250 1.24 8.87 3.68
N ASP A 251 0.85 9.10 4.93
CA ASP A 251 -0.09 8.20 5.58
C ASP A 251 -1.50 8.36 5.04
N SER A 252 -1.87 9.56 4.59
CA SER A 252 -3.16 9.73 3.92
C SER A 252 -3.20 8.93 2.63
N CYS A 253 -2.09 8.91 1.89
CA CYS A 253 -2.04 8.11 0.67
C CYS A 253 -2.09 6.63 0.97
N TRP A 254 -1.39 6.18 2.02
CA TRP A 254 -1.49 4.78 2.43
C TRP A 254 -2.94 4.42 2.73
N ALA A 255 -3.64 5.28 3.47
CA ALA A 255 -5.05 5.03 3.77
C ALA A 255 -5.86 4.88 2.49
N ILE A 256 -5.70 5.81 1.55
CA ILE A 256 -6.43 5.71 0.29
C ILE A 256 -6.02 4.45 -0.47
N SER A 257 -4.74 4.10 -0.41
CA SER A 257 -4.30 2.88 -1.10
C SER A 257 -4.96 1.64 -0.50
N TYR A 258 -5.17 1.63 0.81
CA TYR A 258 -5.90 0.52 1.43
C TYR A 258 -7.35 0.50 0.98
N LEU A 259 -7.99 1.67 0.95
CA LEU A 259 -9.42 1.73 0.62
C LEU A 259 -9.70 1.40 -0.83
N THR A 260 -8.73 1.61 -1.73
CA THR A 260 -8.89 1.25 -3.13
C THR A 260 -8.45 -0.17 -3.43
N ASP A 261 -7.91 -0.89 -2.43
CA ASP A 261 -7.48 -2.27 -2.60
C ASP A 261 -8.69 -3.18 -2.34
N GLY A 262 -9.53 -3.31 -3.38
CA GLY A 262 -10.74 -4.09 -3.26
C GLY A 262 -11.60 -4.04 -4.50
N PRO A 263 -12.84 -4.52 -4.39
CA PRO A 263 -13.75 -4.54 -5.55
C PRO A 263 -14.11 -3.14 -6.00
N ASN A 264 -14.72 -3.08 -7.19
CA ASN A 264 -14.98 -1.79 -7.83
C ASN A 264 -15.85 -0.88 -6.98
N GLU A 265 -16.73 -1.45 -6.16
CA GLU A 265 -17.61 -0.62 -5.33
C GLU A 265 -16.81 0.12 -4.27
N ARG A 266 -15.75 -0.50 -3.75
CA ARG A 266 -14.89 0.18 -2.79
C ARG A 266 -14.10 1.29 -3.46
N ILE A 267 -13.51 1.00 -4.64
CA ILE A 267 -12.83 2.04 -5.42
C ILE A 267 -13.78 3.20 -5.66
N GLU A 268 -15.03 2.91 -5.98
CA GLU A 268 -15.98 3.96 -6.33
C GLU A 268 -16.20 4.93 -5.16
N MET A 269 -16.29 4.40 -3.93
CA MET A 269 -16.44 5.27 -2.76
C MET A 269 -15.34 6.32 -2.72
N VAL A 270 -14.11 5.93 -3.08
CA VAL A 270 -12.99 6.86 -3.02
C VAL A 270 -13.03 7.82 -4.21
N VAL A 271 -13.10 7.27 -5.42
CA VAL A 271 -13.07 8.10 -6.63
C VAL A 271 -14.20 9.13 -6.58
N LYS A 272 -15.36 8.75 -6.03
CA LYS A 272 -16.49 9.67 -5.98
C LYS A 272 -16.21 10.90 -5.13
N LYS A 273 -15.26 10.81 -4.20
CA LYS A 273 -14.86 11.96 -3.40
C LYS A 273 -13.98 12.95 -4.15
N GLY A 274 -13.58 12.63 -5.37
CA GLY A 274 -12.83 13.56 -6.19
C GLY A 274 -11.36 13.66 -5.85
N VAL A 275 -10.77 12.61 -5.27
CA VAL A 275 -9.37 12.67 -4.83
C VAL A 275 -8.37 12.34 -5.91
N VAL A 276 -8.80 11.81 -7.05
CA VAL A 276 -7.85 11.37 -8.07
C VAL A 276 -6.93 12.50 -8.51
N PRO A 277 -7.42 13.71 -8.80
CA PRO A 277 -6.49 14.79 -9.14
C PRO A 277 -5.42 15.04 -8.09
N GLN A 278 -5.79 15.00 -6.80
CA GLN A 278 -4.79 15.21 -5.75
C GLN A 278 -3.81 14.05 -5.70
N LEU A 279 -4.28 12.82 -5.94
CA LEU A 279 -3.37 11.67 -5.97
C LEU A 279 -2.36 11.80 -7.10
N VAL A 280 -2.80 12.28 -8.28
CA VAL A 280 -1.88 12.45 -9.39
C VAL A 280 -0.85 13.52 -9.06
N LYS A 281 -1.28 14.59 -8.42
CA LYS A 281 -0.35 15.62 -7.97
C LYS A 281 0.71 15.05 -7.03
N LEU A 282 0.29 14.27 -6.04
CA LEU A 282 1.23 13.65 -5.12
C LEU A 282 2.09 12.62 -5.83
N LEU A 283 1.59 12.04 -6.92
CA LEU A 283 2.38 11.13 -7.73
C LEU A 283 3.65 11.80 -8.23
N GLY A 284 3.64 13.12 -8.40
CA GLY A 284 4.79 13.87 -8.84
C GLY A 284 5.62 14.47 -7.72
N ALA A 285 5.38 14.08 -6.47
CA ALA A 285 6.15 14.61 -5.36
C ALA A 285 7.59 14.12 -5.41
N THR A 286 8.48 14.87 -4.78
CA THR A 286 9.88 14.48 -4.67
C THR A 286 10.13 13.50 -3.53
N GLU A 287 9.25 13.47 -2.54
CA GLU A 287 9.42 12.57 -1.40
C GLU A 287 8.98 11.15 -1.80
N LEU A 288 9.93 10.22 -1.82
CA LEU A 288 9.59 8.83 -2.11
C LEU A 288 8.53 8.28 -1.16
N PRO A 289 8.52 8.60 0.13
CA PRO A 289 7.44 8.09 1.00
C PRO A 289 6.06 8.54 0.59
N ILE A 290 5.94 9.60 -0.22
CA ILE A 290 4.65 10.03 -0.75
C ILE A 290 4.34 9.33 -2.06
N VAL A 291 5.32 9.31 -2.98
CA VAL A 291 5.10 8.72 -4.29
C VAL A 291 4.71 7.25 -4.18
N THR A 292 5.35 6.52 -3.27
CA THR A 292 5.10 5.08 -3.17
C THR A 292 3.63 4.77 -2.91
N PRO A 293 3.00 5.29 -1.85
CA PRO A 293 1.58 4.99 -1.65
C PRO A 293 0.67 5.66 -2.67
N ALA A 294 1.00 6.87 -3.12
CA ALA A 294 0.19 7.52 -4.16
C ALA A 294 0.13 6.66 -5.41
N LEU A 295 1.26 6.07 -5.80
CA LEU A 295 1.28 5.21 -6.98
C LEU A 295 0.51 3.92 -6.73
N ARG A 296 0.63 3.35 -5.52
CA ARG A 296 -0.13 2.16 -5.20
C ARG A 296 -1.63 2.42 -5.32
N ALA A 297 -2.09 3.59 -4.86
CA ALA A 297 -3.51 3.92 -4.93
C ALA A 297 -3.96 4.08 -6.37
N ILE A 298 -3.19 4.83 -7.18
CA ILE A 298 -3.51 4.97 -8.60
C ILE A 298 -3.57 3.59 -9.26
N GLY A 299 -2.56 2.75 -8.99
CA GLY A 299 -2.56 1.41 -9.55
C GLY A 299 -3.79 0.61 -9.14
N ASN A 300 -4.21 0.73 -7.89
CA ASN A 300 -5.43 0.05 -7.45
C ASN A 300 -6.65 0.56 -8.19
N ILE A 301 -6.73 1.88 -8.39
CA ILE A 301 -7.91 2.47 -9.01
C ILE A 301 -8.08 1.97 -10.44
N VAL A 302 -6.98 1.80 -11.17
CA VAL A 302 -7.08 1.36 -12.55
C VAL A 302 -7.28 -0.15 -12.69
N THR A 303 -7.32 -0.89 -11.58
CA THR A 303 -7.85 -2.25 -11.62
C THR A 303 -9.37 -2.27 -11.62
N GLY A 304 -10.01 -1.11 -11.49
CA GLY A 304 -11.46 -1.05 -11.45
C GLY A 304 -12.07 -1.03 -12.83
N THR A 305 -13.17 -0.28 -13.00
CA THR A 305 -13.82 -0.18 -14.28
C THR A 305 -13.02 0.73 -15.21
N ASP A 306 -13.30 0.61 -16.51
CA ASP A 306 -12.68 1.50 -17.48
C ASP A 306 -13.09 2.94 -17.22
N GLU A 307 -14.27 3.17 -16.65
CA GLU A 307 -14.68 4.52 -16.29
C GLU A 307 -13.86 5.05 -15.13
N GLN A 308 -13.56 4.21 -14.14
CA GLN A 308 -12.69 4.61 -13.05
C GLN A 308 -11.28 4.87 -13.56
N THR A 309 -10.78 4.01 -14.45
CA THR A 309 -9.47 4.25 -15.07
C THR A 309 -9.46 5.59 -15.78
N GLN A 310 -10.56 5.96 -16.44
CA GLN A 310 -10.56 7.20 -17.21
C GLN A 310 -10.38 8.42 -16.31
N LYS A 311 -10.86 8.36 -15.07
CA LYS A 311 -10.65 9.47 -14.15
C LYS A 311 -9.15 9.70 -13.93
N VAL A 312 -8.38 8.62 -13.85
CA VAL A 312 -6.94 8.75 -13.66
C VAL A 312 -6.31 9.40 -14.89
N ILE A 313 -6.70 8.96 -16.09
CA ILE A 313 -6.20 9.55 -17.32
C ILE A 313 -6.58 11.03 -17.40
N ASP A 314 -7.85 11.34 -17.14
CA ASP A 314 -8.31 12.73 -17.21
C ASP A 314 -7.53 13.63 -16.27
N ALA A 315 -7.09 13.09 -15.12
CA ALA A 315 -6.38 13.88 -14.14
C ALA A 315 -4.94 14.18 -14.53
N GLY A 316 -4.47 13.63 -15.65
CA GLY A 316 -3.12 13.89 -16.12
C GLY A 316 -2.07 12.89 -15.69
N ALA A 317 -2.47 11.71 -15.22
CA ALA A 317 -1.52 10.78 -14.62
C ALA A 317 -0.46 10.34 -15.62
N LEU A 318 -0.85 10.14 -16.89
CA LEU A 318 0.09 9.56 -17.86
C LEU A 318 1.30 10.44 -18.11
N ALA A 319 1.19 11.75 -17.88
CA ALA A 319 2.33 12.64 -18.09
C ALA A 319 3.42 12.41 -17.06
N VAL A 320 3.12 11.74 -15.94
CA VAL A 320 4.13 11.47 -14.92
C VAL A 320 4.93 10.21 -15.22
N PHE A 321 4.45 9.37 -16.13
CA PHE A 321 4.99 8.01 -16.22
C PHE A 321 6.32 7.91 -16.94
N PRO A 322 6.73 8.88 -17.76
CA PRO A 322 8.12 8.84 -18.26
C PRO A 322 9.15 8.75 -17.14
N SER A 323 8.97 9.53 -16.07
CA SER A 323 9.90 9.47 -14.95
C SER A 323 9.64 8.26 -14.06
N LEU A 324 8.38 7.86 -13.90
CA LEU A 324 8.08 6.68 -13.08
C LEU A 324 8.65 5.42 -13.70
N LEU A 325 8.53 5.28 -15.02
CA LEU A 325 9.02 4.07 -15.70
C LEU A 325 10.53 4.05 -15.86
N THR A 326 11.22 5.12 -15.49
CA THR A 326 12.68 5.13 -15.43
C THR A 326 13.17 5.43 -14.01
N ASN A 327 12.31 5.34 -13.01
CA ASN A 327 12.66 5.76 -11.68
C ASN A 327 13.79 4.90 -11.14
N PRO A 328 14.77 5.48 -10.42
CA PRO A 328 15.88 4.66 -9.89
C PRO A 328 15.43 3.61 -8.88
N LYS A 329 14.28 3.79 -8.22
CA LYS A 329 13.80 2.82 -7.26
C LYS A 329 13.05 1.72 -8.01
N THR A 330 13.55 0.48 -7.91
CA THR A 330 12.99 -0.60 -8.72
C THR A 330 11.52 -0.84 -8.38
N ASN A 331 11.12 -0.64 -7.12
CA ASN A 331 9.74 -0.86 -6.74
C ASN A 331 8.81 0.17 -7.37
N ILE A 332 9.28 1.41 -7.56
CA ILE A 332 8.47 2.40 -8.27
C ILE A 332 8.31 2.00 -9.73
N GLN A 333 9.40 1.56 -10.38
CA GLN A 333 9.31 1.09 -11.76
C GLN A 333 8.33 -0.08 -11.87
N LYS A 334 8.44 -1.05 -10.97
CA LYS A 334 7.57 -2.22 -11.03
C LYS A 334 6.11 -1.82 -10.92
N GLU A 335 5.77 -1.01 -9.91
CA GLU A 335 4.37 -0.64 -9.69
C GLU A 335 3.88 0.34 -10.75
N ALA A 336 4.78 1.12 -11.36
CA ALA A 336 4.38 1.96 -12.47
C ALA A 336 4.08 1.12 -13.71
N THR A 337 4.87 0.07 -13.94
CA THR A 337 4.60 -0.82 -15.07
C THR A 337 3.34 -1.64 -14.82
N TRP A 338 3.15 -2.09 -13.58
CA TRP A 338 1.90 -2.76 -13.20
C TRP A 338 0.70 -1.85 -13.48
N THR A 339 0.77 -0.60 -13.06
CA THR A 339 -0.29 0.37 -13.36
C THR A 339 -0.52 0.45 -14.88
N MET A 340 0.57 0.56 -15.66
CA MET A 340 0.42 0.66 -17.11
C MET A 340 -0.28 -0.57 -17.67
N SER A 341 0.00 -1.75 -17.11
CA SER A 341 -0.60 -2.97 -17.64
C SER A 341 -2.11 -2.98 -17.47
N ASN A 342 -2.62 -2.33 -16.42
CA ASN A 342 -4.06 -2.25 -16.19
C ASN A 342 -4.68 -1.05 -16.87
N ILE A 343 -3.88 -0.20 -17.52
CA ILE A 343 -4.42 0.82 -18.42
C ILE A 343 -4.48 0.30 -19.85
N THR A 344 -3.47 -0.47 -20.28
CA THR A 344 -3.52 -1.08 -21.61
C THR A 344 -4.55 -2.19 -21.68
N ALA A 345 -5.11 -2.63 -20.54
CA ALA A 345 -6.19 -3.60 -20.53
C ALA A 345 -7.55 -2.95 -20.80
N GLY A 346 -7.60 -1.64 -20.97
CA GLY A 346 -8.85 -0.91 -21.12
C GLY A 346 -9.27 -0.72 -22.56
N ARG A 347 -10.02 0.36 -22.80
CA ARG A 347 -10.55 0.62 -24.13
C ARG A 347 -9.44 0.97 -25.11
N GLN A 348 -9.81 0.98 -26.39
CA GLN A 348 -8.87 1.39 -27.43
C GLN A 348 -8.57 2.88 -27.36
N ASP A 349 -9.51 3.71 -26.93
CA ASP A 349 -9.21 5.13 -26.75
C ASP A 349 -8.32 5.36 -25.55
N GLN A 350 -8.29 4.43 -24.59
CA GLN A 350 -7.36 4.54 -23.48
C GLN A 350 -5.97 4.04 -23.89
N ILE A 351 -5.91 2.93 -24.63
CA ILE A 351 -4.66 2.54 -25.29
C ILE A 351 -4.10 3.71 -26.08
N GLN A 352 -4.97 4.44 -26.78
CA GLN A 352 -4.51 5.53 -27.63
C GLN A 352 -3.89 6.66 -26.82
N GLN A 353 -4.38 6.88 -25.59
CA GLN A 353 -3.80 7.90 -24.73
C GLN A 353 -2.40 7.49 -24.28
N VAL A 354 -2.20 6.19 -24.04
CA VAL A 354 -0.85 5.68 -23.77
C VAL A 354 0.07 5.97 -24.93
N VAL A 355 -0.41 5.71 -26.16
CA VAL A 355 0.35 6.03 -27.36
C VAL A 355 0.65 7.52 -27.42
N ASN A 356 -0.38 8.36 -27.26
CA ASN A 356 -0.21 9.80 -27.44
C ASN A 356 0.80 10.37 -26.45
N HIS A 357 0.82 9.87 -25.22
CA HIS A 357 1.73 10.38 -24.21
C HIS A 357 3.16 9.85 -24.39
N GLY A 358 3.42 9.13 -25.48
CA GLY A 358 4.76 8.67 -25.76
C GLY A 358 5.26 7.57 -24.87
N LEU A 359 4.36 6.76 -24.29
CA LEU A 359 4.73 5.79 -23.28
C LEU A 359 5.07 4.42 -23.85
N VAL A 360 4.79 4.15 -25.12
CA VAL A 360 5.09 2.84 -25.69
C VAL A 360 6.62 2.68 -25.75
N PRO A 361 7.39 3.69 -26.17
CA PRO A 361 8.85 3.56 -26.08
C PRO A 361 9.34 3.24 -24.69
N PHE A 362 8.71 3.82 -23.66
CA PHE A 362 9.12 3.53 -22.29
C PHE A 362 8.80 2.09 -21.91
N LEU A 363 7.70 1.53 -22.42
CA LEU A 363 7.43 0.12 -22.20
C LEU A 363 8.46 -0.76 -22.91
N VAL A 364 8.85 -0.37 -24.13
CA VAL A 364 9.96 -1.06 -24.79
C VAL A 364 11.21 -0.99 -23.91
N GLY A 365 11.43 0.16 -23.28
CA GLY A 365 12.60 0.30 -22.42
C GLY A 365 12.62 -0.69 -21.28
N VAL A 366 11.54 -0.74 -20.49
CA VAL A 366 11.53 -1.61 -19.32
C VAL A 366 11.58 -3.07 -19.75
N LEU A 367 10.93 -3.41 -20.87
CA LEU A 367 11.02 -4.76 -21.39
C LEU A 367 12.46 -5.10 -21.77
N SER A 368 13.19 -4.13 -22.31
CA SER A 368 14.57 -4.37 -22.73
C SER A 368 15.49 -4.55 -21.53
N LYS A 369 15.36 -3.68 -20.53
CA LYS A 369 16.23 -3.73 -19.36
C LYS A 369 15.47 -3.22 -18.16
N ALA A 370 15.37 -4.05 -17.13
CA ALA A 370 14.74 -3.71 -15.86
C ALA A 370 14.90 -4.92 -14.95
N ASP A 371 14.60 -4.72 -13.67
CA ASP A 371 14.44 -5.86 -12.77
C ASP A 371 13.44 -6.84 -13.37
N PHE A 372 13.71 -8.14 -13.22
CA PHE A 372 12.85 -9.12 -13.87
C PHE A 372 11.39 -8.95 -13.48
N LYS A 373 11.12 -8.68 -12.20
CA LYS A 373 9.75 -8.49 -11.76
C LYS A 373 9.08 -7.37 -12.55
N THR A 374 9.82 -6.30 -12.82
CA THR A 374 9.31 -5.22 -13.66
C THR A 374 9.12 -5.69 -15.09
N GLN A 375 10.08 -6.46 -15.61
CA GLN A 375 9.96 -6.97 -16.98
C GLN A 375 8.72 -7.84 -17.14
N LYS A 376 8.36 -8.58 -16.10
CA LYS A 376 7.17 -9.43 -16.18
C LYS A 376 5.91 -8.58 -16.24
N GLU A 377 5.85 -7.48 -15.48
CA GLU A 377 4.72 -6.57 -15.58
C GLU A 377 4.65 -5.93 -16.95
N ALA A 378 5.80 -5.60 -17.54
CA ALA A 378 5.82 -5.01 -18.87
C ALA A 378 5.30 -6.00 -19.90
N ALA A 379 5.66 -7.27 -19.76
CA ALA A 379 5.12 -8.30 -20.66
C ALA A 379 3.60 -8.34 -20.57
N TRP A 380 3.05 -8.33 -19.35
CA TRP A 380 1.61 -8.24 -19.18
C TRP A 380 1.05 -7.02 -19.88
N ALA A 381 1.69 -5.86 -19.69
CA ALA A 381 1.22 -4.64 -20.33
C ALA A 381 1.15 -4.79 -21.85
N ILE A 382 2.11 -5.51 -22.43
CA ILE A 382 2.13 -5.69 -23.88
C ILE A 382 1.03 -6.66 -24.31
N THR A 383 0.87 -7.76 -23.58
CA THR A 383 -0.16 -8.73 -23.94
C THR A 383 -1.55 -8.10 -23.85
N ASN A 384 -1.80 -7.30 -22.82
CA ASN A 384 -3.08 -6.61 -22.71
C ASN A 384 -3.26 -5.63 -23.87
N TYR A 385 -2.19 -4.91 -24.20
CA TYR A 385 -2.24 -3.94 -25.30
C TYR A 385 -2.56 -4.63 -26.62
N THR A 386 -1.88 -5.75 -26.91
CA THR A 386 -2.12 -6.45 -28.17
C THR A 386 -3.46 -7.17 -28.17
N SER A 387 -3.99 -7.51 -26.99
CA SER A 387 -5.29 -8.14 -26.91
C SER A 387 -6.42 -7.17 -27.25
N GLY A 388 -6.30 -5.92 -26.78
CA GLY A 388 -7.39 -4.97 -26.90
C GLY A 388 -7.18 -3.89 -27.95
N GLY A 389 -5.98 -3.80 -28.52
CA GLY A 389 -5.65 -2.70 -29.39
C GLY A 389 -6.16 -2.89 -30.82
N THR A 390 -6.26 -1.76 -31.53
CA THR A 390 -6.53 -1.79 -32.96
C THR A 390 -5.33 -2.34 -33.71
N VAL A 391 -5.52 -2.57 -35.02
CA VAL A 391 -4.41 -3.02 -35.85
C VAL A 391 -3.35 -1.92 -35.94
N GLU A 392 -3.78 -0.68 -36.16
CA GLU A 392 -2.82 0.43 -36.22
C GLU A 392 -2.03 0.53 -34.93
N GLN A 393 -2.69 0.38 -33.78
CA GLN A 393 -1.99 0.48 -32.50
C GLN A 393 -0.97 -0.64 -32.34
N ILE A 394 -1.31 -1.85 -32.81
CA ILE A 394 -0.37 -2.96 -32.70
C ILE A 394 0.77 -2.78 -33.68
N VAL A 395 0.49 -2.26 -34.89
CA VAL A 395 1.55 -1.93 -35.83
C VAL A 395 2.53 -0.95 -35.20
N TYR A 396 2.00 0.11 -34.58
CA TYR A 396 2.85 1.09 -33.92
C TYR A 396 3.75 0.45 -32.88
N LEU A 397 3.19 -0.49 -32.11
CA LEU A 397 3.97 -1.22 -31.12
C LEU A 397 5.20 -1.87 -31.74
N VAL A 398 5.01 -2.55 -32.87
CA VAL A 398 6.12 -3.21 -33.54
C VAL A 398 7.11 -2.19 -34.07
N HIS A 399 6.62 -1.07 -34.61
CA HIS A 399 7.52 -0.03 -35.12
C HIS A 399 8.31 0.63 -34.01
N CYS A 400 7.88 0.48 -32.75
CA CYS A 400 8.63 1.02 -31.62
C CYS A 400 9.74 0.09 -31.14
N GLY A 401 9.81 -1.13 -31.65
CA GLY A 401 10.87 -2.05 -31.31
C GLY A 401 10.52 -3.12 -30.31
N ILE A 402 9.25 -3.53 -30.23
CA ILE A 402 8.83 -4.44 -29.17
C ILE A 402 9.34 -5.86 -29.40
N ILE A 403 9.53 -6.26 -30.66
CA ILE A 403 9.72 -7.68 -30.96
C ILE A 403 11.02 -8.19 -30.33
N GLU A 404 12.14 -7.52 -30.57
CA GLU A 404 13.42 -8.04 -30.09
C GLU A 404 13.43 -8.23 -28.59
N PRO A 405 13.15 -7.22 -27.76
CA PRO A 405 13.16 -7.46 -26.31
C PRO A 405 12.15 -8.50 -25.88
N LEU A 406 11.01 -8.58 -26.58
CA LEU A 406 10.04 -9.63 -26.30
C LEU A 406 10.64 -11.01 -26.51
N MET A 407 11.32 -11.20 -27.64
CA MET A 407 11.96 -12.49 -27.91
C MET A 407 13.02 -12.81 -26.86
N ASN A 408 13.85 -11.82 -26.50
CA ASN A 408 14.93 -12.09 -25.57
C ASN A 408 14.42 -12.62 -24.24
N LEU A 409 13.20 -12.25 -23.85
CA LEU A 409 12.63 -12.72 -22.60
C LEU A 409 12.11 -14.14 -22.66
N LEU A 410 12.10 -14.77 -23.84
CA LEU A 410 11.66 -16.15 -23.94
C LEU A 410 12.66 -17.13 -23.35
N SER A 411 13.90 -16.71 -23.12
CA SER A 411 14.89 -17.55 -22.46
C SER A 411 14.85 -17.41 -20.94
N ALA A 412 13.85 -16.73 -20.40
CA ALA A 412 13.65 -16.65 -18.96
C ALA A 412 13.11 -17.98 -18.44
N LYS A 413 13.52 -18.34 -17.23
CA LYS A 413 13.07 -19.58 -16.59
C LYS A 413 11.84 -19.33 -15.75
N ASP A 414 10.84 -18.73 -16.38
CA ASP A 414 9.55 -18.42 -15.73
C ASP A 414 8.47 -18.78 -16.73
N THR A 415 7.73 -19.86 -16.47
CA THR A 415 6.80 -20.35 -17.47
C THR A 415 5.62 -19.40 -17.65
N LYS A 416 5.32 -18.57 -16.65
CA LYS A 416 4.18 -17.66 -16.78
C LYS A 416 4.49 -16.51 -17.74
N ILE A 417 5.70 -15.94 -17.67
CA ILE A 417 6.02 -14.85 -18.59
C ILE A 417 6.13 -15.38 -20.01
N ILE A 418 6.53 -16.64 -20.18
CA ILE A 418 6.60 -17.22 -21.52
C ILE A 418 5.21 -17.35 -22.11
N GLN A 419 4.25 -17.86 -21.33
CA GLN A 419 2.87 -17.89 -21.77
C GLN A 419 2.40 -16.51 -22.19
N VAL A 420 2.69 -15.50 -21.36
CA VAL A 420 2.26 -14.13 -21.65
C VAL A 420 2.88 -13.65 -22.96
N ILE A 421 4.17 -13.92 -23.15
CA ILE A 421 4.85 -13.46 -24.37
C ILE A 421 4.27 -14.17 -25.59
N LEU A 422 4.05 -15.49 -25.49
CA LEU A 422 3.53 -16.23 -26.62
C LEU A 422 2.13 -15.77 -27.00
N ASP A 423 1.31 -15.44 -26.01
CA ASP A 423 0.02 -14.82 -26.31
C ASP A 423 0.21 -13.53 -27.09
N ALA A 424 1.16 -12.70 -26.66
CA ALA A 424 1.37 -11.41 -27.34
C ALA A 424 1.80 -11.62 -28.79
N ILE A 425 2.70 -12.57 -29.03
CA ILE A 425 3.12 -12.86 -30.40
C ILE A 425 1.93 -13.28 -31.24
N SER A 426 1.12 -14.19 -30.73
CA SER A 426 -0.10 -14.61 -31.43
C SER A 426 -0.96 -13.41 -31.78
N ASN A 427 -1.14 -12.49 -30.82
CA ASN A 427 -1.97 -11.32 -31.06
C ASN A 427 -1.37 -10.44 -32.14
N ILE A 428 -0.03 -10.33 -32.18
CA ILE A 428 0.61 -9.46 -33.16
C ILE A 428 0.50 -10.06 -34.56
N PHE A 429 0.66 -11.39 -34.67
CA PHE A 429 0.44 -12.05 -35.95
C PHE A 429 -0.98 -11.82 -36.44
N GLN A 430 -1.98 -11.96 -35.55
CA GLN A 430 -3.36 -11.75 -35.94
C GLN A 430 -3.56 -10.36 -36.54
N ALA A 431 -2.87 -9.36 -36.00
CA ALA A 431 -2.91 -8.03 -36.62
C ALA A 431 -2.17 -8.02 -37.96
N ALA A 432 -1.14 -8.87 -38.09
CA ALA A 432 -0.37 -8.92 -39.33
C ALA A 432 -1.13 -9.66 -40.43
N GLU A 433 -1.77 -10.79 -40.09
CA GLU A 433 -2.63 -11.47 -41.05
C GLU A 433 -3.61 -10.49 -41.69
N LYS A 434 -4.23 -9.66 -40.86
CA LYS A 434 -5.22 -8.70 -41.35
C LYS A 434 -4.62 -7.71 -42.33
N LEU A 435 -3.30 -7.51 -42.28
CA LEU A 435 -2.60 -6.69 -43.24
C LEU A 435 -1.86 -7.54 -44.28
N GLY A 436 -1.94 -8.87 -44.16
CA GLY A 436 -1.22 -9.74 -45.07
C GLY A 436 0.28 -9.64 -44.96
N GLU A 437 0.79 -9.41 -43.75
CA GLU A 437 2.21 -9.13 -43.53
C GLU A 437 2.85 -10.14 -42.58
N THR A 438 2.26 -11.35 -42.48
CA THR A 438 2.83 -12.38 -41.61
C THR A 438 4.32 -12.60 -41.89
N GLU A 439 4.69 -12.73 -43.16
CA GLU A 439 6.07 -13.09 -43.49
C GLU A 439 7.05 -12.04 -42.96
N LYS A 440 6.76 -10.76 -43.20
CA LYS A 440 7.63 -9.70 -42.68
C LYS A 440 7.85 -9.88 -41.18
N LEU A 441 6.77 -10.11 -40.44
CA LEU A 441 6.90 -10.38 -39.02
C LEU A 441 7.68 -11.66 -38.76
N SER A 442 7.38 -12.71 -39.52
CA SER A 442 8.11 -13.97 -39.39
C SER A 442 9.61 -13.74 -39.55
N ILE A 443 10.00 -12.94 -40.55
CA ILE A 443 11.41 -12.66 -40.79
C ILE A 443 12.01 -11.86 -39.64
N MET A 444 11.30 -10.82 -39.19
CA MET A 444 11.79 -10.00 -38.09
C MET A 444 12.09 -10.86 -36.87
N ILE A 445 11.20 -11.79 -36.55
CA ILE A 445 11.41 -12.69 -35.43
C ILE A 445 12.62 -13.58 -35.68
N GLU A 446 12.79 -14.04 -36.93
CA GLU A 446 13.92 -14.90 -37.26
C GLU A 446 15.24 -14.15 -37.10
N GLU A 447 15.29 -12.91 -37.56
CA GLU A 447 16.56 -12.17 -37.58
C GLU A 447 17.12 -11.94 -36.19
N CYS A 448 16.27 -11.81 -35.18
CA CYS A 448 16.70 -11.49 -33.83
C CYS A 448 16.85 -12.74 -32.95
N GLY A 449 16.73 -13.92 -33.53
CA GLY A 449 16.87 -15.15 -32.77
C GLY A 449 15.60 -15.66 -32.13
N GLY A 450 14.45 -15.06 -32.45
CA GLY A 450 13.21 -15.49 -31.83
C GLY A 450 12.78 -16.88 -32.26
N LEU A 451 13.04 -17.23 -33.53
CA LEU A 451 12.59 -18.53 -34.02
C LEU A 451 13.31 -19.66 -33.30
N ASP A 452 14.62 -19.52 -33.09
CA ASP A 452 15.36 -20.50 -32.27
C ASP A 452 14.66 -20.70 -30.93
N LYS A 453 14.28 -19.58 -30.29
CA LYS A 453 13.69 -19.66 -28.97
C LYS A 453 12.31 -20.30 -29.01
N ILE A 454 11.50 -19.97 -30.02
CA ILE A 454 10.17 -20.57 -30.12
C ILE A 454 10.28 -22.04 -30.49
N GLU A 455 11.20 -22.39 -31.38
CA GLU A 455 11.40 -23.78 -31.77
C GLU A 455 11.64 -24.65 -30.54
N ALA A 456 12.53 -24.21 -29.64
CA ALA A 456 12.84 -24.99 -28.46
C ALA A 456 11.63 -25.15 -27.55
N LEU A 457 10.78 -24.11 -27.46
CA LEU A 457 9.65 -24.16 -26.56
C LEU A 457 8.63 -25.22 -26.94
N GLN A 458 8.73 -25.81 -28.13
CA GLN A 458 7.97 -27.02 -28.41
C GLN A 458 8.42 -28.15 -27.50
N ARG A 459 9.66 -28.11 -27.00
CA ARG A 459 10.18 -29.11 -26.08
C ARG A 459 9.88 -28.78 -24.62
N HIS A 460 9.19 -27.68 -24.35
CA HIS A 460 8.89 -27.30 -22.97
C HIS A 460 7.85 -28.25 -22.38
N GLU A 461 7.98 -28.50 -21.08
CA GLU A 461 7.07 -29.46 -20.43
C GLU A 461 5.66 -28.87 -20.29
N ASN A 462 5.55 -27.59 -19.97
CA ASN A 462 4.23 -26.98 -19.80
C ASN A 462 3.40 -27.17 -21.05
N GLU A 463 2.16 -27.63 -20.87
CA GLU A 463 1.32 -27.94 -22.03
C GLU A 463 1.02 -26.68 -22.84
N SER A 464 0.63 -25.59 -22.17
CA SER A 464 0.32 -24.36 -22.88
C SER A 464 1.50 -23.88 -23.70
N VAL A 465 2.70 -23.96 -23.13
CA VAL A 465 3.89 -23.49 -23.86
C VAL A 465 4.06 -24.28 -25.16
N TYR A 466 4.07 -25.61 -25.08
CA TYR A 466 4.40 -26.38 -26.29
C TYR A 466 3.26 -26.41 -27.30
N LYS A 467 2.01 -26.23 -26.85
CA LYS A 467 0.92 -26.05 -27.80
C LYS A 467 1.06 -24.73 -28.54
N ALA A 468 1.24 -23.64 -27.79
CA ALA A 468 1.30 -22.31 -28.42
C ALA A 468 2.49 -22.20 -29.36
N SER A 469 3.65 -22.70 -28.93
CA SER A 469 4.85 -22.63 -29.77
C SER A 469 4.65 -23.41 -31.06
N LEU A 470 4.29 -24.69 -30.94
CA LEU A 470 4.03 -25.51 -32.12
C LEU A 470 3.00 -24.85 -33.03
N ASN A 471 1.94 -24.31 -32.44
CA ASN A 471 0.93 -23.61 -33.24
C ASN A 471 1.55 -22.46 -34.03
N LEU A 472 2.39 -21.66 -33.38
CA LEU A 472 3.03 -20.55 -34.07
C LEU A 472 3.92 -21.05 -35.20
N ILE A 473 4.78 -22.03 -34.91
CA ILE A 473 5.68 -22.55 -35.92
C ILE A 473 4.90 -23.02 -37.14
N GLU A 474 3.87 -23.84 -36.91
CA GLU A 474 3.09 -24.40 -38.00
C GLU A 474 2.48 -23.31 -38.88
N LYS A 475 1.89 -22.29 -38.25
CA LYS A 475 1.08 -21.34 -39.02
C LYS A 475 1.93 -20.29 -39.73
N TYR A 476 3.03 -19.84 -39.12
CA TYR A 476 3.77 -18.70 -39.62
C TYR A 476 5.22 -18.99 -40.00
N PHE A 477 5.79 -20.11 -39.58
CA PHE A 477 7.20 -20.42 -39.82
C PHE A 477 7.28 -21.71 -40.63
N SER A 478 6.85 -21.64 -41.89
CA SER A 478 6.91 -22.78 -42.80
C SER A 478 7.44 -22.35 -44.17
N GLY B 2 0.23 2.44 8.23
CA GLY B 2 1.31 1.49 8.38
C GLY B 2 0.90 0.18 9.05
N ARG B 3 1.55 -0.16 10.16
CA ARG B 3 1.08 -1.29 10.96
C ARG B 3 1.19 -0.99 12.44
N LYS B 4 2.40 -1.06 13.01
CA LYS B 4 2.59 -0.77 14.43
C LYS B 4 3.86 0.04 14.64
N LYS B 5 3.87 0.83 15.72
CA LYS B 5 5.00 1.69 16.07
C LYS B 5 5.20 1.66 17.57
N ARG B 6 6.46 1.52 18.00
CA ARG B 6 6.84 1.62 19.39
C ARG B 6 7.42 3.01 19.66
N ARG B 7 7.05 3.60 20.79
CA ARG B 7 7.52 4.93 21.14
C ARG B 7 8.80 4.81 21.98
N GLN B 8 9.87 5.45 21.52
CA GLN B 8 11.17 5.32 22.17
C GLN B 8 11.67 6.59 22.85
N ARG B 9 11.07 7.74 22.59
CA ARG B 9 11.50 8.98 23.23
C ARG B 9 10.36 9.99 23.34
#